data_9D3Y
#
_entry.id   9D3Y
#
_cell.length_a   72.770
_cell.length_b   41.050
_cell.length_c   102.920
_cell.angle_alpha   90.000
_cell.angle_beta   98.010
_cell.angle_gamma   90.000
#
_symmetry.space_group_name_H-M   'C 1 2 1'
#
loop_
_entity.id
_entity.type
_entity.pdbx_description
1 polymer 'Mannan-binding lectin serine protease 2 B chain'
2 non-polymer GLYCEROL
3 non-polymer (2S)-N-[2-(2-amino-1H-1,3-benzimidazol-5-yl)ethyl]-1-[(2R,4S)-4-phenylpiperidine-2-carbonyl]azetidine-2-carboxamide
4 water water
#
_entity_poly.entity_id   1
_entity_poly.type   'polypeptide(L)'
_entity_poly.pdbx_seq_one_letter_code
;IVDCGPPDDLPSGRVEYITGPGVTTYKAVIQYSCEETFYTMKVNDGKYVCEADGFWTSSKGEKSLPVCEPVCGLSARTTG
GRIYGGQKAKPGDFPWQVLILGGTTAAGALLYDNWVLTAAHAVYEQKHDASALDIRMGTLKRLSPHYTQAWSEAVFIHEG
YTHDAGFDNDIALIKLNNKVVINSNITPICLPRKEAESFMRTDDIGTASGWGLTQRGFLARNLMYVDIPIVDHQKCTAAY
EKPPYPRGSVTANMLCAGLESGGKDSCRGDSGGALVFLDSETERWFVGGIVSWGSMNCGEAGQYGVYTKVINYIPWIENI
ISDF
;
_entity_poly.pdbx_strand_id   A
#
loop_
_chem_comp.id
_chem_comp.type
_chem_comp.name
_chem_comp.formula
A1A1Y non-polymer (2S)-N-[2-(2-amino-1H-1,3-benzimidazol-5-yl)ethyl]-1-[(2R,4S)-4-phenylpiperidine-2-carbonyl]azetidine-2-carboxamide 'C25 H30 N6 O2'
GOL non-polymer GLYCEROL 'C3 H8 O3'
#
# COMPACT_ATOMS: atom_id res chain seq x y z
N ASP A 3 -23.62 5.44 -34.88
CA ASP A 3 -23.73 6.86 -34.58
C ASP A 3 -22.79 7.23 -33.45
N CYS A 4 -22.87 6.49 -32.34
CA CYS A 4 -21.95 6.67 -31.23
C CYS A 4 -20.68 5.83 -31.36
N GLY A 5 -20.74 4.73 -32.13
CA GLY A 5 -19.58 3.90 -32.38
C GLY A 5 -19.43 2.80 -31.34
N PRO A 6 -18.51 1.86 -31.57
CA PRO A 6 -18.19 0.85 -30.54
C PRO A 6 -17.80 1.50 -29.23
N PRO A 7 -18.29 1.00 -28.09
CA PRO A 7 -17.83 1.55 -26.81
C PRO A 7 -16.36 1.29 -26.56
N ASP A 8 -15.81 2.01 -25.59
CA ASP A 8 -14.48 1.74 -25.09
C ASP A 8 -14.52 0.60 -24.08
N ASP A 9 -13.45 -0.19 -24.05
CA ASP A 9 -13.36 -1.28 -23.09
C ASP A 9 -13.04 -0.74 -21.70
N LEU A 10 -13.57 -1.43 -20.69
CA LEU A 10 -13.38 -1.03 -19.29
C LEU A 10 -12.26 -1.85 -18.69
N PRO A 11 -11.16 -1.26 -18.20
CA PRO A 11 -10.13 -2.07 -17.55
C PRO A 11 -10.67 -2.81 -16.33
N SER A 12 -10.34 -4.09 -16.23
CA SER A 12 -10.87 -4.98 -15.20
C SER A 12 -12.41 -5.05 -15.26
N GLY A 13 -12.95 -4.83 -16.45
CA GLY A 13 -14.37 -4.93 -16.69
C GLY A 13 -14.58 -5.23 -18.15
N ARG A 14 -15.78 -4.94 -18.64
CA ARG A 14 -16.07 -5.24 -20.04
C ARG A 14 -17.35 -4.53 -20.46
N VAL A 15 -17.66 -4.65 -21.75
CA VAL A 15 -18.81 -4.02 -22.39
C VAL A 15 -19.79 -5.11 -22.80
N GLU A 16 -21.08 -4.79 -22.71
CA GLU A 16 -22.12 -5.70 -23.17
C GLU A 16 -23.26 -4.89 -23.77
N TYR A 17 -23.62 -5.21 -25.01
CA TYR A 17 -24.64 -4.46 -25.74
C TYR A 17 -26.03 -4.94 -25.29
N ILE A 18 -26.87 -4.01 -24.86
CA ILE A 18 -28.18 -4.36 -24.32
C ILE A 18 -29.26 -4.32 -25.41
N THR A 19 -29.30 -3.25 -26.20
CA THR A 19 -30.33 -3.14 -27.23
C THR A 19 -30.15 -4.22 -28.30
N GLY A 20 -28.91 -4.50 -28.69
CA GLY A 20 -28.62 -5.54 -29.64
C GLY A 20 -27.15 -5.63 -29.97
N PRO A 21 -26.71 -6.76 -30.55
CA PRO A 21 -25.27 -6.91 -30.83
C PRO A 21 -24.81 -6.00 -31.95
N GLY A 22 -24.14 -4.91 -31.60
CA GLY A 22 -23.57 -3.98 -32.55
C GLY A 22 -24.30 -2.67 -32.70
N VAL A 23 -25.53 -2.57 -32.21
CA VAL A 23 -26.29 -1.33 -32.33
C VAL A 23 -25.58 -0.23 -31.52
N THR A 24 -25.32 0.90 -32.19
CA THR A 24 -24.61 2.02 -31.61
C THR A 24 -25.31 3.34 -31.91
N THR A 25 -26.57 3.30 -32.32
CA THR A 25 -27.27 4.48 -32.79
C THR A 25 -27.93 5.21 -31.61
N TYR A 26 -28.68 6.27 -31.94
CA TYR A 26 -29.31 7.10 -30.91
C TYR A 26 -30.27 6.27 -30.07
N LYS A 27 -30.23 6.48 -28.76
CA LYS A 27 -30.99 5.77 -27.73
C LYS A 27 -30.57 4.31 -27.56
N ALA A 28 -29.54 3.85 -28.28
CA ALA A 28 -29.02 2.51 -28.04
C ALA A 28 -28.43 2.42 -26.65
N VAL A 29 -28.59 1.26 -26.00
CA VAL A 29 -28.23 1.06 -24.61
C VAL A 29 -27.12 0.01 -24.53
N ILE A 30 -26.08 0.32 -23.77
CA ILE A 30 -25.02 -0.63 -23.44
C ILE A 30 -24.92 -0.71 -21.92
N GLN A 31 -24.07 -1.64 -21.45
CA GLN A 31 -23.90 -1.87 -20.02
C GLN A 31 -22.45 -2.23 -19.73
N TYR A 32 -21.88 -1.56 -18.73
CA TYR A 32 -20.55 -1.86 -18.21
C TYR A 32 -20.67 -2.68 -16.93
N SER A 33 -19.61 -3.42 -16.62
CA SER A 33 -19.59 -4.23 -15.41
C SER A 33 -18.17 -4.64 -15.10
N CYS A 34 -17.88 -4.80 -13.81
CA CYS A 34 -16.61 -5.29 -13.31
C CYS A 34 -16.72 -6.73 -12.86
N GLU A 35 -15.57 -7.33 -12.55
CA GLU A 35 -15.53 -8.62 -11.87
C GLU A 35 -15.88 -8.37 -10.41
N GLU A 36 -17.18 -8.45 -10.09
CA GLU A 36 -17.69 -7.89 -8.85
C GLU A 36 -17.14 -8.55 -7.60
N THR A 37 -16.58 -9.77 -7.71
CA THR A 37 -16.09 -10.44 -6.51
C THR A 37 -14.89 -9.72 -5.92
N PHE A 38 -13.92 -9.36 -6.76
CA PHE A 38 -12.69 -8.72 -6.34
C PHE A 38 -12.55 -7.28 -6.81
N TYR A 39 -13.53 -6.75 -7.51
CA TYR A 39 -13.52 -5.37 -7.99
C TYR A 39 -14.91 -4.78 -7.76
N THR A 40 -14.98 -3.45 -7.70
CA THR A 40 -16.23 -2.76 -7.45
C THR A 40 -16.32 -1.55 -8.38
N MET A 41 -17.47 -1.39 -9.02
CA MET A 41 -17.67 -0.30 -9.95
C MET A 41 -17.86 1.02 -9.19
N LYS A 42 -17.20 2.06 -9.67
CA LYS A 42 -17.31 3.40 -9.11
C LYS A 42 -17.88 4.34 -10.17
N VAL A 43 -18.06 5.61 -9.78
CA VAL A 43 -18.63 6.68 -10.60
C VAL A 43 -20.14 6.48 -10.73
N ASN A 44 -20.57 5.55 -11.59
CA ASN A 44 -21.97 5.37 -11.92
C ASN A 44 -22.28 3.88 -11.96
N ASP A 45 -23.52 3.53 -12.32
CA ASP A 45 -23.97 2.15 -12.31
C ASP A 45 -23.67 1.39 -13.61
N GLY A 46 -23.01 2.03 -14.58
CA GLY A 46 -22.56 1.36 -15.78
C GLY A 46 -23.52 1.40 -16.95
N LYS A 47 -24.76 1.83 -16.75
CA LYS A 47 -25.73 1.92 -17.85
C LYS A 47 -25.49 3.19 -18.64
N TYR A 48 -25.16 3.04 -19.93
CA TYR A 48 -24.87 4.16 -20.81
C TYR A 48 -25.79 4.10 -22.01
N VAL A 49 -26.36 5.24 -22.38
CA VAL A 49 -27.24 5.38 -23.54
C VAL A 49 -26.60 6.36 -24.50
N CYS A 50 -26.53 5.99 -25.78
CA CYS A 50 -26.05 6.92 -26.80
C CYS A 50 -26.97 8.14 -26.84
N GLU A 51 -26.36 9.32 -26.79
CA GLU A 51 -27.08 10.59 -26.73
C GLU A 51 -26.97 11.31 -28.06
N ALA A 52 -27.76 12.37 -28.21
CA ALA A 52 -27.75 13.13 -29.46
C ALA A 52 -26.40 13.79 -29.72
N ASP A 53 -25.63 14.04 -28.66
CA ASP A 53 -24.27 14.56 -28.81
C ASP A 53 -23.39 13.65 -29.66
N GLY A 54 -23.72 12.36 -29.77
CA GLY A 54 -22.94 11.43 -30.54
C GLY A 54 -21.92 10.67 -29.74
N PHE A 55 -22.08 10.59 -28.43
CA PHE A 55 -21.14 9.89 -27.55
C PHE A 55 -21.92 9.28 -26.40
N TRP A 56 -21.42 8.14 -25.92
CA TRP A 56 -22.11 7.42 -24.86
C TRP A 56 -22.18 8.25 -23.59
N THR A 57 -23.34 8.20 -22.93
CA THR A 57 -23.61 9.01 -21.74
C THR A 57 -24.30 8.13 -20.70
N SER A 58 -23.88 8.30 -19.44
CA SER A 58 -24.44 7.54 -18.34
C SER A 58 -25.76 8.16 -17.88
N SER A 59 -26.33 7.59 -16.82
CA SER A 59 -27.55 8.12 -16.22
C SER A 59 -27.31 9.39 -15.40
N LYS A 60 -26.06 9.84 -15.27
CA LYS A 60 -25.72 11.07 -14.57
C LYS A 60 -25.10 12.12 -15.48
N GLY A 61 -25.08 11.89 -16.80
CA GLY A 61 -24.54 12.84 -17.75
C GLY A 61 -23.07 12.66 -18.10
N GLU A 62 -22.36 11.78 -17.41
CA GLU A 62 -20.94 11.58 -17.67
C GLU A 62 -20.75 10.84 -18.99
N LYS A 63 -19.73 11.26 -19.74
CA LYS A 63 -19.36 10.62 -21.01
C LYS A 63 -17.96 10.00 -20.95
N SER A 64 -17.43 9.76 -19.75
CA SER A 64 -16.19 9.04 -19.54
C SER A 64 -16.50 7.65 -19.01
N LEU A 65 -15.48 6.79 -18.99
CA LEU A 65 -15.66 5.44 -18.47
C LEU A 65 -16.01 5.48 -16.99
N PRO A 66 -16.59 4.41 -16.45
CA PRO A 66 -16.57 4.21 -15.00
C PRO A 66 -15.24 3.57 -14.61
N VAL A 67 -15.09 3.28 -13.32
CA VAL A 67 -13.83 2.78 -12.77
C VAL A 67 -14.11 1.49 -12.02
N CYS A 68 -13.30 0.46 -12.30
CA CYS A 68 -13.35 -0.82 -11.60
C CYS A 68 -12.26 -0.78 -10.54
N GLU A 69 -12.64 -0.46 -9.30
CA GLU A 69 -11.68 -0.32 -8.20
C GLU A 69 -11.46 -1.67 -7.53
N PRO A 70 -10.21 -2.10 -7.29
CA PRO A 70 -10.02 -3.35 -6.54
C PRO A 70 -10.54 -3.23 -5.12
N VAL A 71 -11.09 -4.34 -4.62
CA VAL A 71 -11.41 -4.45 -3.20
C VAL A 71 -10.10 -4.48 -2.42
N CYS A 72 -10.09 -3.84 -1.25
CA CYS A 72 -8.89 -3.69 -0.44
C CYS A 72 -9.15 -4.20 0.98
N GLY A 73 -8.07 -4.37 1.73
CA GLY A 73 -8.14 -4.57 3.16
C GLY A 73 -8.61 -5.92 3.63
N LEU A 74 -8.78 -6.89 2.73
CA LEU A 74 -9.22 -8.21 3.13
C LEU A 74 -8.03 -9.02 3.64
N SER A 75 -8.28 -9.87 4.65
CA SER A 75 -7.22 -10.62 5.29
C SER A 75 -7.77 -11.92 5.85
N ALA A 76 -6.96 -12.97 5.78
CA ALA A 76 -7.31 -14.26 6.37
C ALA A 76 -7.21 -14.25 7.90
N ARG A 77 -6.61 -13.21 8.48
CA ARG A 77 -6.64 -13.08 9.95
C ARG A 77 -8.04 -12.75 10.43
N THR A 78 -8.69 -11.79 9.78
CA THR A 78 -10.06 -11.39 10.10
C THR A 78 -10.52 -10.30 9.14
N ILE A 83 11.48 -8.64 11.25
CA ILE A 83 10.47 -8.69 12.30
C ILE A 83 11.02 -9.42 13.51
N TYR A 84 11.10 -8.71 14.64
CA TYR A 84 11.64 -9.26 15.88
C TYR A 84 10.50 -9.80 16.73
N GLY A 85 10.66 -11.03 17.21
CA GLY A 85 9.71 -11.59 18.15
C GLY A 85 8.33 -11.85 17.57
N GLY A 86 8.25 -12.21 16.29
CA GLY A 86 6.99 -12.49 15.65
C GLY A 86 6.81 -13.97 15.36
N GLN A 87 5.87 -14.26 14.48
CA GLN A 87 5.60 -15.62 14.05
C GLN A 87 5.16 -15.60 12.59
N LYS A 88 5.06 -16.79 12.02
CA LYS A 88 4.95 -16.94 10.58
C LYS A 88 3.53 -16.65 10.10
N ALA A 89 3.41 -15.79 9.09
CA ALA A 89 2.12 -15.52 8.48
C ALA A 89 1.67 -16.70 7.64
N LYS A 90 0.36 -16.91 7.60
CA LYS A 90 -0.26 -17.90 6.73
C LYS A 90 -0.63 -17.26 5.41
N PRO A 91 -0.97 -18.06 4.39
CA PRO A 91 -1.39 -17.46 3.12
C PRO A 91 -2.64 -16.61 3.28
N GLY A 92 -2.60 -15.41 2.72
CA GLY A 92 -3.73 -14.50 2.76
C GLY A 92 -3.82 -13.60 3.98
N ASP A 93 -2.91 -13.74 4.93
CA ASP A 93 -2.89 -12.82 6.07
C ASP A 93 -2.55 -11.40 5.61
N PHE A 94 -1.60 -11.28 4.68
CA PHE A 94 -1.11 -10.00 4.18
C PHE A 94 -1.03 -10.06 2.66
N PRO A 95 -2.18 -10.11 1.98
CA PRO A 95 -2.16 -10.23 0.51
C PRO A 95 -1.63 -8.99 -0.18
N TRP A 96 -1.45 -7.87 0.53
CA TRP A 96 -0.86 -6.66 0.00
C TRP A 96 0.66 -6.65 0.05
N GLN A 97 1.28 -7.58 0.81
CA GLN A 97 2.72 -7.53 1.03
C GLN A 97 3.47 -7.70 -0.29
N VAL A 98 4.45 -6.83 -0.51
CA VAL A 98 5.25 -6.80 -1.73
C VAL A 98 6.72 -6.88 -1.32
N LEU A 99 7.49 -7.69 -2.05
CA LEU A 99 8.94 -7.76 -1.91
C LEU A 99 9.59 -6.94 -3.02
N ILE A 100 10.53 -6.07 -2.63
CA ILE A 100 11.22 -5.19 -3.55
C ILE A 100 12.70 -5.53 -3.50
N LEU A 101 13.26 -5.92 -4.64
CA LEU A 101 14.67 -6.30 -4.75
C LEU A 101 15.38 -5.32 -5.68
N GLY A 102 16.46 -4.73 -5.19
CA GLY A 102 17.27 -3.80 -5.96
C GLY A 102 18.64 -3.64 -5.33
N GLY A 103 18.84 -2.53 -4.62
CA GLY A 103 20.05 -2.40 -3.83
C GLY A 103 20.13 -3.43 -2.73
N THR A 104 19.08 -3.51 -1.91
CA THR A 104 18.98 -4.49 -0.83
C THR A 104 17.55 -5.02 -0.79
N THR A 105 17.28 -5.91 0.16
CA THR A 105 15.93 -6.41 0.38
C THR A 105 15.09 -5.35 1.09
N ALA A 106 13.92 -5.07 0.54
CA ALA A 106 12.97 -4.15 1.16
C ALA A 106 11.56 -4.61 0.80
N ALA A 107 10.56 -3.85 1.23
CA ALA A 107 9.18 -4.25 1.12
C ALA A 107 8.31 -3.07 0.72
N GLY A 108 7.04 -3.39 0.44
CA GLY A 108 6.04 -2.39 0.15
C GLY A 108 4.67 -2.99 0.34
N ALA A 109 3.66 -2.21 -0.04
CA ALA A 109 2.26 -2.63 0.06
C ALA A 109 1.53 -2.28 -1.22
N LEU A 110 0.78 -3.23 -1.76
CA LEU A 110 0.02 -2.99 -2.99
C LEU A 110 -1.10 -2.01 -2.72
N LEU A 111 -1.24 -1.01 -3.59
CA LEU A 111 -2.40 -0.13 -3.62
C LEU A 111 -3.05 -0.27 -4.99
N TYR A 112 -4.37 -0.39 -5.01
CA TYR A 112 -5.13 -0.66 -6.24
C TYR A 112 -4.56 -1.95 -6.84
N ASP A 113 -4.34 -2.02 -8.16
CA ASP A 113 -3.69 -3.15 -8.80
C ASP A 113 -2.46 -2.74 -9.60
N ASN A 114 -1.98 -1.49 -9.44
CA ASN A 114 -0.82 -1.04 -10.20
C ASN A 114 0.02 -0.01 -9.45
N TRP A 115 -0.05 0.04 -8.12
CA TRP A 115 0.78 0.93 -7.32
C TRP A 115 1.32 0.19 -6.12
N VAL A 116 2.50 0.61 -5.65
CA VAL A 116 3.14 0.05 -4.48
C VAL A 116 3.60 1.20 -3.59
N LEU A 117 3.15 1.18 -2.34
CA LEU A 117 3.58 2.16 -1.34
C LEU A 117 4.77 1.57 -0.58
N THR A 118 5.82 2.38 -0.42
CA THR A 118 7.03 1.95 0.26
C THR A 118 7.70 3.16 0.90
N ALA A 119 8.90 2.95 1.44
CA ALA A 119 9.69 4.01 2.05
C ALA A 119 10.63 4.60 1.00
N ALA A 120 10.86 5.91 1.11
CA ALA A 120 11.73 6.58 0.14
C ALA A 120 13.16 6.09 0.24
N HIS A 121 13.66 5.87 1.46
CA HIS A 121 15.04 5.44 1.65
C HIS A 121 15.30 4.07 1.05
N ALA A 122 14.26 3.26 0.84
CA ALA A 122 14.45 1.91 0.32
C ALA A 122 14.66 1.88 -1.18
N VAL A 123 14.13 2.87 -1.91
CA VAL A 123 14.20 2.91 -3.37
C VAL A 123 14.97 4.11 -3.90
N TYR A 124 15.53 4.95 -3.04
CA TYR A 124 16.12 6.21 -3.50
C TYR A 124 17.33 5.97 -4.40
N GLU A 125 18.20 5.02 -4.02
CA GLU A 125 19.43 4.83 -4.78
C GLU A 125 19.17 4.21 -6.14
N GLN A 126 18.11 3.39 -6.26
CA GLN A 126 17.80 2.74 -7.53
C GLN A 126 16.98 3.63 -8.45
N LYS A 127 16.15 4.52 -7.91
CA LYS A 127 15.46 5.48 -8.76
C LYS A 127 16.47 6.38 -9.47
N HIS A 128 17.32 7.04 -8.70
CA HIS A 128 18.27 8.00 -9.26
C HIS A 128 19.38 7.34 -10.05
N ASP A 129 19.57 6.02 -9.90
CA ASP A 129 20.41 5.26 -10.81
C ASP A 129 19.68 4.81 -12.06
N ALA A 130 18.39 5.15 -12.19
CA ALA A 130 17.60 4.85 -13.39
C ALA A 130 17.54 3.35 -13.68
N SER A 131 17.55 2.55 -12.63
CA SER A 131 17.47 1.09 -12.74
C SER A 131 16.12 0.62 -12.21
N ALA A 132 15.43 -0.19 -12.99
CA ALA A 132 14.09 -0.65 -12.61
C ALA A 132 14.15 -1.53 -11.38
N LEU A 133 13.07 -1.49 -10.59
CA LEU A 133 12.96 -2.29 -9.38
C LEU A 133 12.30 -3.62 -9.68
N ASP A 134 12.86 -4.68 -9.09
CA ASP A 134 12.31 -6.03 -9.21
C ASP A 134 11.29 -6.23 -8.10
N ILE A 135 10.01 -6.28 -8.47
CA ILE A 135 8.90 -6.29 -7.52
C ILE A 135 8.22 -7.65 -7.61
N ARG A 136 8.05 -8.29 -6.46
CA ARG A 136 7.49 -9.63 -6.36
C ARG A 136 6.41 -9.65 -5.30
N MET A 137 5.41 -10.50 -5.49
CA MET A 137 4.30 -10.60 -4.55
C MET A 137 3.59 -11.93 -4.78
N GLY A 138 2.54 -12.16 -3.99
CA GLY A 138 1.84 -13.42 -4.03
C GLY A 138 2.63 -14.60 -3.49
N THR A 139 3.66 -14.33 -2.67
CA THR A 139 4.54 -15.36 -2.15
C THR A 139 4.86 -15.07 -0.70
N LEU A 140 4.87 -16.13 0.12
CA LEU A 140 5.32 -16.03 1.50
C LEU A 140 6.82 -16.21 1.67
N LYS A 141 7.47 -16.89 0.73
CA LYS A 141 8.90 -17.20 0.81
C LYS A 141 9.68 -16.15 0.03
N ARG A 142 10.61 -15.48 0.71
CA ARG A 142 11.39 -14.41 0.10
C ARG A 142 12.12 -14.87 -1.15
N LEU A 143 12.66 -16.09 -1.13
CA LEU A 143 13.56 -16.58 -2.16
C LEU A 143 12.91 -17.63 -3.07
N SER A 144 11.59 -17.76 -3.05
CA SER A 144 10.95 -18.78 -3.85
C SER A 144 11.03 -18.42 -5.33
N PRO A 145 11.07 -19.41 -6.23
CA PRO A 145 11.00 -19.10 -7.67
C PRO A 145 9.59 -18.84 -8.17
N HIS A 146 8.56 -19.11 -7.36
CA HIS A 146 7.16 -19.02 -7.77
C HIS A 146 6.57 -17.74 -7.17
N TYR A 147 6.42 -16.71 -7.99
CA TYR A 147 5.87 -15.44 -7.54
C TYR A 147 5.26 -14.71 -8.73
N THR A 148 4.46 -13.69 -8.42
CA THR A 148 3.90 -12.81 -9.43
C THR A 148 4.87 -11.66 -9.67
N GLN A 149 5.34 -11.54 -10.92
CA GLN A 149 6.38 -10.58 -11.27
C GLN A 149 5.77 -9.27 -11.74
N ALA A 150 6.35 -8.17 -11.30
CA ALA A 150 6.02 -6.84 -11.80
C ALA A 150 7.30 -6.02 -11.85
N TRP A 151 7.24 -4.91 -12.60
CA TRP A 151 8.37 -4.01 -12.74
C TRP A 151 7.88 -2.57 -12.59
N SER A 152 8.79 -1.71 -12.15
CA SER A 152 8.46 -0.31 -11.92
C SER A 152 8.48 0.46 -13.24
N GLU A 153 7.39 1.16 -13.51
CA GLU A 153 7.31 2.09 -14.63
C GLU A 153 7.80 3.48 -14.23
N ALA A 154 7.52 3.89 -12.99
CA ALA A 154 7.98 5.17 -12.47
C ALA A 154 8.02 5.08 -10.96
N VAL A 155 8.98 5.79 -10.36
CA VAL A 155 9.13 5.88 -8.92
C VAL A 155 9.02 7.34 -8.51
N PHE A 156 8.12 7.63 -7.58
CA PHE A 156 7.87 8.99 -7.09
C PHE A 156 8.32 9.03 -5.63
N ILE A 157 9.36 9.80 -5.36
CA ILE A 157 9.86 10.03 -4.01
C ILE A 157 9.33 11.37 -3.53
N HIS A 158 8.93 11.42 -2.26
CA HIS A 158 8.37 12.65 -1.70
C HIS A 158 9.40 13.78 -1.79
N GLU A 159 8.90 14.96 -2.19
CA GLU A 159 9.79 16.06 -2.55
C GLU A 159 10.46 16.70 -1.34
N GLY A 160 9.94 16.49 -0.14
CA GLY A 160 10.57 16.92 1.08
C GLY A 160 11.53 15.93 1.69
N TYR A 161 11.67 14.74 1.10
CA TYR A 161 12.64 13.77 1.59
C TYR A 161 14.04 14.16 1.18
N THR A 162 14.97 14.12 2.14
CA THR A 162 16.38 14.41 1.91
C THR A 162 17.18 13.16 2.28
N HIS A 163 17.68 12.45 1.28
CA HIS A 163 18.36 11.18 1.52
C HIS A 163 19.64 11.39 2.30
N ASP A 164 19.95 10.44 3.19
CA ASP A 164 21.11 10.48 4.07
C ASP A 164 21.11 11.70 4.99
N ALA A 165 19.94 12.29 5.23
CA ALA A 165 19.79 13.46 6.11
C ALA A 165 18.49 13.36 6.89
N GLY A 166 18.27 12.21 7.53
CA GLY A 166 17.07 11.98 8.31
C GLY A 166 15.95 11.39 7.48
N PHE A 167 14.81 11.18 8.16
CA PHE A 167 13.73 10.36 7.61
C PHE A 167 12.37 11.06 7.64
N ASP A 168 12.33 12.38 7.78
CA ASP A 168 11.09 13.10 7.56
C ASP A 168 10.65 12.91 6.12
N ASN A 169 9.36 12.64 5.92
CA ASN A 169 8.78 12.42 4.60
C ASN A 169 9.38 11.19 3.92
N ASP A 170 9.67 10.15 4.71
CA ASP A 170 10.19 8.89 4.18
C ASP A 170 9.04 8.09 3.59
N ILE A 171 8.67 8.44 2.35
CA ILE A 171 7.54 7.83 1.69
C ILE A 171 7.75 7.92 0.18
N ALA A 172 7.29 6.90 -0.54
CA ALA A 172 7.46 6.85 -1.98
C ALA A 172 6.35 5.99 -2.58
N LEU A 173 6.07 6.24 -3.85
CA LEU A 173 5.09 5.46 -4.62
C LEU A 173 5.76 4.94 -5.88
N ILE A 174 5.46 3.68 -6.21
CA ILE A 174 5.97 3.03 -7.41
C ILE A 174 4.78 2.70 -8.30
N LYS A 175 4.84 3.18 -9.54
CA LYS A 175 3.86 2.82 -10.57
C LYS A 175 4.34 1.54 -11.24
N LEU A 176 3.50 0.51 -11.25
CA LEU A 176 3.83 -0.73 -11.92
C LEU A 176 3.51 -0.63 -13.40
N ASN A 177 4.36 -1.22 -14.23
CA ASN A 177 4.14 -1.19 -15.67
C ASN A 177 2.98 -2.07 -16.10
N ASN A 178 2.46 -2.93 -15.23
CA ASN A 178 1.34 -3.81 -15.54
C ASN A 178 0.38 -3.83 -14.36
N LYS A 179 -0.90 -4.07 -14.65
CA LYS A 179 -1.86 -4.36 -13.60
C LYS A 179 -1.65 -5.79 -13.12
N VAL A 180 -1.62 -5.98 -11.79
CA VAL A 180 -1.52 -7.30 -11.20
C VAL A 180 -2.93 -7.84 -10.99
N VAL A 181 -3.07 -9.16 -11.11
CA VAL A 181 -4.37 -9.80 -10.95
C VAL A 181 -4.73 -9.84 -9.48
N ILE A 182 -5.96 -9.44 -9.16
CA ILE A 182 -6.45 -9.39 -7.79
C ILE A 182 -7.22 -10.67 -7.50
N ASN A 183 -6.89 -11.33 -6.40
CA ASN A 183 -7.56 -12.53 -5.95
C ASN A 183 -7.33 -12.64 -4.45
N SER A 184 -7.73 -13.76 -3.86
CA SER A 184 -7.52 -13.96 -2.43
C SER A 184 -6.04 -13.99 -2.06
N ASN A 185 -5.16 -14.29 -3.02
CA ASN A 185 -3.73 -14.30 -2.76
C ASN A 185 -3.11 -12.90 -2.84
N ILE A 186 -3.62 -12.06 -3.73
CA ILE A 186 -3.07 -10.72 -3.96
C ILE A 186 -4.22 -9.72 -3.89
N THR A 187 -4.16 -8.79 -2.93
CA THR A 187 -5.20 -7.80 -2.69
C THR A 187 -4.53 -6.57 -2.10
N PRO A 188 -4.90 -5.36 -2.52
CA PRO A 188 -4.26 -4.18 -1.93
C PRO A 188 -4.74 -3.90 -0.51
N ILE A 189 -3.98 -3.05 0.17
CA ILE A 189 -4.36 -2.50 1.47
C ILE A 189 -5.17 -1.24 1.22
N CYS A 190 -6.13 -0.98 2.11
CA CYS A 190 -6.93 0.24 2.02
C CYS A 190 -6.12 1.43 2.53
N LEU A 191 -6.34 2.59 1.92
CA LEU A 191 -5.81 3.82 2.48
C LEU A 191 -6.70 4.26 3.64
N PRO A 192 -6.14 4.91 4.66
CA PRO A 192 -6.97 5.31 5.80
C PRO A 192 -7.96 6.40 5.41
N ARG A 193 -9.17 6.29 5.98
CA ARG A 193 -10.13 7.37 5.87
C ARG A 193 -9.79 8.46 6.89
N LYS A 194 -10.43 9.63 6.72
CA LYS A 194 -10.07 10.80 7.51
C LYS A 194 -10.26 10.57 9.01
N GLU A 195 -11.22 9.72 9.38
CA GLU A 195 -11.46 9.38 10.78
C GLU A 195 -10.66 8.17 11.25
N ALA A 196 -9.70 7.70 10.44
CA ALA A 196 -8.95 6.50 10.79
C ALA A 196 -8.04 6.72 12.00
N GLU A 197 -7.73 7.98 12.34
CA GLU A 197 -6.94 8.25 13.54
C GLU A 197 -7.64 7.76 14.81
N SER A 198 -8.97 7.60 14.78
CA SER A 198 -9.68 7.03 15.91
C SER A 198 -9.27 5.60 16.21
N PHE A 199 -8.70 4.89 15.23
CA PHE A 199 -8.16 3.55 15.44
C PHE A 199 -6.65 3.55 15.67
N MET A 200 -5.99 4.71 15.60
CA MET A 200 -4.55 4.83 15.76
C MET A 200 -4.20 5.74 16.92
N ARG A 201 -4.91 5.59 18.03
CA ARG A 201 -4.59 6.34 19.24
C ARG A 201 -3.42 5.66 19.96
N THR A 202 -2.93 6.30 21.01
CA THR A 202 -1.91 5.69 21.85
C THR A 202 -2.46 4.39 22.44
N ASP A 203 -1.65 3.33 22.38
CA ASP A 203 -1.91 1.96 22.82
C ASP A 203 -2.87 1.21 21.90
N ASP A 204 -3.30 1.79 20.78
CA ASP A 204 -3.99 1.00 19.76
C ASP A 204 -2.98 0.10 19.05
N ILE A 205 -3.43 -1.07 18.64
CA ILE A 205 -2.56 -2.13 18.12
C ILE A 205 -2.54 -2.08 16.60
N GLY A 206 -1.34 -2.08 16.03
CA GLY A 206 -1.12 -2.28 14.61
C GLY A 206 -0.30 -3.54 14.39
N THR A 207 -0.10 -3.86 13.11
CA THR A 207 0.63 -5.05 12.71
C THR A 207 1.66 -4.73 11.65
N ALA A 208 2.93 -5.00 11.96
CA ALA A 208 4.01 -4.94 11.00
C ALA A 208 4.32 -6.34 10.47
N SER A 209 4.61 -6.43 9.17
CA SER A 209 4.97 -7.69 8.56
C SER A 209 6.16 -7.47 7.64
N GLY A 210 6.97 -8.50 7.48
CA GLY A 210 8.13 -8.40 6.61
C GLY A 210 9.03 -9.61 6.73
N TRP A 211 10.09 -9.57 5.92
CA TRP A 211 11.13 -10.60 5.91
C TRP A 211 12.42 -10.12 6.57
N GLY A 212 12.37 -9.03 7.33
CA GLY A 212 13.57 -8.44 7.87
C GLY A 212 14.19 -9.31 8.96
N LEU A 213 15.21 -8.73 9.62
CA LEU A 213 15.95 -9.45 10.64
C LEU A 213 15.04 -9.86 11.79
N THR A 214 15.23 -11.08 12.27
CA THR A 214 14.53 -11.59 13.43
C THR A 214 15.46 -11.52 14.64
N GLN A 215 15.03 -12.12 15.75
CA GLN A 215 15.90 -12.18 16.93
C GLN A 215 17.18 -12.96 16.65
N ARG A 216 17.13 -13.88 15.68
CA ARG A 216 18.32 -14.66 15.32
C ARG A 216 19.41 -13.79 14.69
N GLY A 217 19.05 -12.62 14.17
CA GLY A 217 20.01 -11.76 13.50
C GLY A 217 20.17 -12.00 12.01
N PHE A 218 19.31 -12.82 11.41
CA PHE A 218 19.32 -13.09 9.99
C PHE A 218 17.96 -12.73 9.38
N LEU A 219 17.96 -12.48 8.07
CA LEU A 219 16.71 -12.29 7.36
C LEU A 219 15.86 -13.56 7.44
N ALA A 220 14.54 -13.37 7.51
CA ALA A 220 13.63 -14.49 7.59
C ALA A 220 13.40 -15.08 6.20
N ARG A 221 13.31 -16.41 6.14
CA ARG A 221 12.98 -17.06 4.88
C ARG A 221 11.50 -16.89 4.54
N ASN A 222 10.64 -16.92 5.56
CA ASN A 222 9.20 -16.79 5.39
C ASN A 222 8.71 -15.47 5.99
N LEU A 223 7.60 -14.98 5.46
CA LEU A 223 7.01 -13.74 5.96
C LEU A 223 6.61 -13.89 7.41
N MET A 224 6.96 -12.88 8.22
CA MET A 224 6.71 -12.83 9.65
C MET A 224 5.82 -11.65 9.96
N TYR A 225 5.30 -11.59 11.19
CA TYR A 225 4.52 -10.43 11.61
C TYR A 225 4.43 -10.36 13.13
N VAL A 226 4.22 -9.14 13.62
CA VAL A 226 4.04 -8.86 15.05
C VAL A 226 2.89 -7.86 15.21
N ASP A 227 2.13 -8.02 16.29
CA ASP A 227 1.19 -7.01 16.75
C ASP A 227 1.88 -6.16 17.81
N ILE A 228 1.84 -4.84 17.64
CA ILE A 228 2.54 -3.91 18.54
C ILE A 228 1.71 -2.65 18.71
N PRO A 229 1.77 -2.03 19.89
CA PRO A 229 0.94 -0.86 20.16
C PRO A 229 1.60 0.45 19.75
N ILE A 230 0.74 1.45 19.54
CA ILE A 230 1.23 2.80 19.28
C ILE A 230 1.79 3.38 20.57
N VAL A 231 2.92 4.07 20.45
CA VAL A 231 3.64 4.64 21.59
C VAL A 231 3.25 6.10 21.72
N ASP A 232 3.17 6.58 22.95
CA ASP A 232 2.93 8.00 23.20
C ASP A 232 4.04 8.82 22.56
N HIS A 233 3.64 9.90 21.86
CA HIS A 233 4.59 10.63 21.04
C HIS A 233 5.69 11.29 21.85
N GLN A 234 5.41 11.64 23.11
CA GLN A 234 6.47 12.14 23.98
C GLN A 234 7.53 11.09 24.19
N LYS A 235 7.10 9.85 24.50
CA LYS A 235 8.04 8.76 24.67
C LYS A 235 8.79 8.46 23.39
N CYS A 236 8.13 8.64 22.23
CA CYS A 236 8.79 8.45 20.95
C CYS A 236 9.92 9.47 20.77
N THR A 237 9.60 10.75 20.94
CA THR A 237 10.61 11.81 20.84
C THR A 237 11.74 11.59 21.82
N ALA A 238 11.40 11.24 23.08
CA ALA A 238 12.42 11.14 24.11
C ALA A 238 13.33 9.93 23.91
N ALA A 239 12.82 8.87 23.26
CA ALA A 239 13.64 7.67 23.09
C ALA A 239 14.82 7.90 22.15
N TYR A 240 14.71 8.85 21.22
CA TYR A 240 15.72 9.09 20.20
C TYR A 240 16.29 10.50 20.25
N GLU A 241 16.06 11.23 21.34
CA GLU A 241 16.66 12.56 21.53
C GLU A 241 17.92 12.42 22.38
N LYS A 242 18.95 11.87 21.74
CA LYS A 242 20.21 11.54 22.40
C LYS A 242 21.21 11.11 21.33
N PRO A 243 22.51 11.11 21.63
CA PRO A 243 23.47 10.70 20.62
C PRO A 243 23.30 9.23 20.28
N PRO A 244 23.68 8.80 19.06
CA PRO A 244 24.26 9.56 17.94
C PRO A 244 23.23 10.23 17.04
N TYR A 245 21.97 10.32 17.47
CA TYR A 245 20.91 10.76 16.56
C TYR A 245 20.92 12.28 16.43
N PRO A 246 20.64 12.83 15.23
CA PRO A 246 20.46 14.28 15.13
C PRO A 246 19.28 14.74 15.96
N ARG A 247 19.35 15.99 16.42
CA ARG A 247 18.22 16.56 17.15
C ARG A 247 17.04 16.75 16.20
N GLY A 248 15.84 16.44 16.69
CA GLY A 248 14.66 16.49 15.85
C GLY A 248 14.52 15.32 14.91
N SER A 249 15.11 14.17 15.24
CA SER A 249 14.99 13.00 14.38
C SER A 249 13.55 12.53 14.28
N VAL A 250 12.78 12.67 15.35
CA VAL A 250 11.36 12.32 15.37
C VAL A 250 10.56 13.58 15.13
N THR A 251 9.76 13.58 14.07
CA THR A 251 8.92 14.70 13.67
C THR A 251 7.45 14.32 13.81
N ALA A 252 6.58 15.29 13.53
CA ALA A 252 5.14 15.06 13.59
C ALA A 252 4.65 14.15 12.47
N ASN A 253 5.47 13.90 11.46
CA ASN A 253 5.12 12.98 10.38
C ASN A 253 5.50 11.54 10.69
N MET A 254 5.63 11.19 11.97
CA MET A 254 6.10 9.88 12.38
C MET A 254 5.30 9.40 13.58
N LEU A 255 5.22 8.07 13.72
CA LEU A 255 4.68 7.44 14.90
C LEU A 255 5.62 6.32 15.33
N CYS A 256 5.70 6.11 16.64
CA CYS A 256 6.46 5.01 17.21
C CYS A 256 5.53 3.85 17.53
N ALA A 257 6.09 2.65 17.50
CA ALA A 257 5.36 1.45 17.90
C ALA A 257 6.34 0.47 18.50
N GLY A 258 5.92 -0.19 19.57
CA GLY A 258 6.75 -1.17 20.23
C GLY A 258 6.46 -1.19 21.72
N LEU A 259 7.29 -1.92 22.44
CA LEU A 259 7.11 -2.19 23.85
C LEU A 259 8.19 -1.50 24.67
N GLU A 260 7.78 -0.90 25.79
CA GLU A 260 8.74 -0.36 26.73
C GLU A 260 9.63 -1.44 27.34
N SER A 261 9.14 -2.68 27.38
CA SER A 261 9.93 -3.81 27.85
C SER A 261 10.74 -4.48 26.73
N GLY A 262 10.41 -4.19 25.47
CA GLY A 262 11.08 -4.82 24.34
C GLY A 262 10.45 -6.14 23.96
N GLY A 263 11.00 -6.74 22.90
CA GLY A 263 10.65 -8.08 22.48
C GLY A 263 9.79 -8.17 21.23
N LYS A 264 9.27 -7.04 20.72
CA LYS A 264 8.45 -7.03 19.52
C LYS A 264 8.78 -5.77 18.74
N ASP A 265 9.17 -5.92 17.48
CA ASP A 265 9.65 -4.77 16.71
C ASP A 265 9.72 -5.11 15.24
N SER A 266 9.85 -4.06 14.43
CA SER A 266 10.37 -4.18 13.08
C SER A 266 11.90 -4.11 13.14
N CYS A 267 12.55 -4.32 12.01
CA CYS A 267 14.01 -4.25 11.98
C CYS A 267 14.46 -4.03 10.54
N ARG A 268 15.78 -4.09 10.34
CA ARG A 268 16.36 -3.95 9.01
C ARG A 268 15.88 -5.07 8.11
N GLY A 269 15.61 -4.73 6.85
CA GLY A 269 14.99 -5.63 5.90
C GLY A 269 13.48 -5.51 5.82
N ASP A 270 12.84 -4.89 6.81
CA ASP A 270 11.42 -4.61 6.79
C ASP A 270 11.07 -3.25 6.18
N SER A 271 12.07 -2.53 5.69
CA SER A 271 11.87 -1.17 5.20
C SER A 271 10.80 -1.13 4.11
N GLY A 272 9.86 -0.18 4.27
CA GLY A 272 8.79 -0.01 3.31
C GLY A 272 7.53 -0.79 3.61
N GLY A 273 7.57 -1.75 4.52
CA GLY A 273 6.38 -2.51 4.85
C GLY A 273 5.34 -1.66 5.54
N ALA A 274 4.08 -2.09 5.40
CA ALA A 274 2.95 -1.34 5.93
C ALA A 274 2.65 -1.79 7.35
N LEU A 275 2.59 -0.82 8.27
CA LEU A 275 2.03 -1.03 9.59
C LEU A 275 0.52 -0.84 9.47
N VAL A 276 -0.23 -1.92 9.62
CA VAL A 276 -1.66 -1.92 9.29
C VAL A 276 -2.49 -1.95 10.56
N PHE A 277 -3.71 -1.45 10.43
CA PHE A 277 -4.68 -1.38 11.52
C PHE A 277 -6.04 -1.80 10.98
N LEU A 278 -6.89 -2.31 11.87
CA LEU A 278 -8.21 -2.82 11.50
C LEU A 278 -9.25 -1.74 11.79
N ASP A 279 -9.89 -1.24 10.74
CA ASP A 279 -11.11 -0.45 10.87
C ASP A 279 -12.21 -1.41 11.29
N SER A 280 -12.49 -1.45 12.60
CA SER A 280 -13.41 -2.46 13.14
C SER A 280 -14.85 -2.28 12.66
N GLU A 281 -15.20 -1.08 12.15
CA GLU A 281 -16.56 -0.84 11.68
C GLU A 281 -16.76 -1.27 10.24
N THR A 282 -15.81 -0.96 9.36
CA THR A 282 -15.84 -1.49 8.00
C THR A 282 -15.30 -2.92 7.91
N GLU A 283 -14.61 -3.39 8.96
CA GLU A 283 -14.01 -4.73 8.96
C GLU A 283 -12.98 -4.86 7.85
N ARG A 284 -12.17 -3.81 7.68
CA ARG A 284 -11.17 -3.73 6.63
C ARG A 284 -9.86 -3.25 7.23
N TRP A 285 -8.75 -3.81 6.76
CA TRP A 285 -7.42 -3.38 7.18
C TRP A 285 -6.98 -2.21 6.33
N PHE A 286 -6.30 -1.24 6.95
CA PHE A 286 -5.75 -0.08 6.26
C PHE A 286 -4.34 0.16 6.74
N VAL A 287 -3.58 0.92 5.95
CA VAL A 287 -2.18 1.19 6.25
C VAL A 287 -2.07 2.48 7.05
N GLY A 288 -1.54 2.37 8.26
CA GLY A 288 -1.35 3.52 9.13
C GLY A 288 0.10 3.98 9.17
N GLY A 289 1.03 3.06 8.91
CA GLY A 289 2.44 3.38 8.99
C GLY A 289 3.23 2.68 7.89
N ILE A 290 4.43 3.21 7.64
CA ILE A 290 5.42 2.61 6.76
C ILE A 290 6.69 2.42 7.57
N VAL A 291 7.26 1.21 7.50
CA VAL A 291 8.50 0.93 8.23
C VAL A 291 9.59 1.86 7.71
N SER A 292 10.13 2.70 8.62
CA SER A 292 11.09 3.72 8.24
C SER A 292 12.44 3.51 8.93
N TRP A 293 12.53 3.67 10.24
CA TRP A 293 13.84 3.60 10.89
C TRP A 293 13.68 3.30 12.38
N GLY A 294 14.81 3.28 13.07
CA GLY A 294 14.86 2.99 14.48
C GLY A 294 16.29 2.71 14.88
N SER A 295 16.47 2.32 16.13
CA SER A 295 17.80 2.07 16.63
C SER A 295 18.41 0.84 15.95
N MET A 296 19.72 0.67 16.16
CA MET A 296 20.42 -0.50 15.64
C MET A 296 19.93 -1.78 16.30
N ASN A 297 19.66 -1.72 17.60
CA ASN A 297 19.29 -2.90 18.39
C ASN A 297 17.78 -3.06 18.35
N CYS A 298 17.29 -3.73 17.30
CA CYS A 298 15.88 -4.01 17.18
C CYS A 298 15.42 -4.92 18.32
N GLY A 299 14.18 -4.69 18.76
CA GLY A 299 13.62 -5.46 19.85
C GLY A 299 14.05 -5.03 21.24
N GLU A 300 15.01 -4.12 21.34
CA GLU A 300 15.51 -3.70 22.66
C GLU A 300 14.48 -2.81 23.35
N ALA A 301 14.47 -2.89 24.68
CA ALA A 301 13.46 -2.20 25.48
C ALA A 301 13.51 -0.70 25.28
N GLY A 302 12.36 -0.12 24.93
CA GLY A 302 12.25 1.31 24.75
C GLY A 302 12.88 1.87 23.49
N GLN A 303 13.47 1.04 22.65
CA GLN A 303 14.06 1.47 21.38
C GLN A 303 13.05 1.16 20.29
N TYR A 304 12.03 2.02 20.21
CA TYR A 304 10.86 1.73 19.39
C TYR A 304 11.17 1.82 17.91
N GLY A 305 10.39 1.11 17.11
CA GLY A 305 10.42 1.31 15.67
C GLY A 305 9.69 2.58 15.29
N VAL A 306 10.28 3.31 14.35
CA VAL A 306 9.73 4.58 13.88
C VAL A 306 9.14 4.37 12.50
N TYR A 307 7.94 4.90 12.28
CA TYR A 307 7.16 4.67 11.07
C TYR A 307 6.68 5.99 10.51
N THR A 308 6.66 6.10 9.18
CA THR A 308 6.08 7.28 8.53
C THR A 308 4.57 7.29 8.72
N LYS A 309 4.02 8.44 9.08
CA LYS A 309 2.60 8.56 9.40
C LYS A 309 1.81 8.79 8.11
N VAL A 310 1.12 7.74 7.64
CA VAL A 310 0.56 7.75 6.29
C VAL A 310 -0.63 8.71 6.19
N ILE A 311 -1.41 8.88 7.26
CA ILE A 311 -2.59 9.74 7.17
C ILE A 311 -2.18 11.17 6.86
N ASN A 312 -0.97 11.58 7.26
CA ASN A 312 -0.45 12.89 6.91
C ASN A 312 -0.23 13.06 5.42
N TYR A 313 -0.12 11.97 4.66
CA TYR A 313 0.29 12.01 3.26
C TYR A 313 -0.81 11.59 2.28
N ILE A 314 -2.07 11.57 2.73
CA ILE A 314 -3.16 11.25 1.81
C ILE A 314 -3.27 12.26 0.68
N PRO A 315 -3.14 13.58 0.90
CA PRO A 315 -3.18 14.50 -0.25
C PRO A 315 -2.06 14.25 -1.25
N TRP A 316 -0.86 13.94 -0.76
CA TRP A 316 0.26 13.67 -1.66
C TRP A 316 0.04 12.39 -2.45
N ILE A 317 -0.44 11.33 -1.79
CA ILE A 317 -0.66 10.05 -2.48
C ILE A 317 -1.73 10.22 -3.56
N GLU A 318 -2.85 10.84 -3.20
CA GLU A 318 -3.96 11.00 -4.13
C GLU A 318 -3.58 11.90 -5.30
N ASN A 319 -2.73 12.90 -5.06
CA ASN A 319 -2.27 13.74 -6.16
C ASN A 319 -1.48 12.93 -7.18
N ILE A 320 -0.59 12.07 -6.70
CA ILE A 320 0.28 11.33 -7.62
C ILE A 320 -0.50 10.21 -8.32
N ILE A 321 -1.35 9.49 -7.59
CA ILE A 321 -2.06 8.39 -8.21
C ILE A 321 -3.10 8.91 -9.20
N SER A 322 -3.68 10.08 -8.93
CA SER A 322 -4.72 10.61 -9.81
C SER A 322 -4.16 11.32 -11.03
N ASP A 323 -2.94 11.87 -10.94
CA ASP A 323 -2.33 12.61 -12.03
C ASP A 323 -1.48 11.73 -12.96
N PHE A 324 -1.12 10.53 -12.53
CA PHE A 324 -0.30 9.61 -13.35
C PHE A 324 -0.99 8.25 -13.48
C1 GOL B . 1.99 -10.91 18.32
O1 GOL B . 2.72 -9.81 17.91
C2 GOL B . 1.77 -11.76 17.06
O2 GOL B . 2.72 -12.79 16.99
C3 GOL B . 0.32 -12.29 17.12
O3 GOL B . -0.55 -11.19 17.12
H11 GOL B . 1.13 -10.68 18.72
H12 GOL B . 2.45 -11.44 18.99
HO1 GOL B . 3.49 -10.09 17.68
H2 GOL B . 1.89 -11.21 16.26
HO2 GOL B . 3.00 -12.84 16.19
H31 GOL B . 0.22 -12.85 17.91
H32 GOL B . 0.17 -12.89 16.37
HO3 GOL B . -0.72 -11.01 16.31
C1 GOL C . -6.98 2.35 -1.95
O1 GOL C . -7.70 1.95 -0.82
C2 GOL C . -6.77 1.11 -2.87
O2 GOL C . -5.94 0.15 -2.31
C3 GOL C . -8.20 0.55 -3.17
O3 GOL C . -8.04 -0.50 -4.07
H11 GOL C . -6.11 2.71 -1.72
H12 GOL C . -7.42 3.04 -2.45
HO1 GOL C . -8.50 2.21 -0.94
H2 GOL C . -6.35 1.39 -3.70
HO2 GOL C . -6.20 0.03 -1.51
H31 GOL C . -8.76 1.27 -3.51
H32 GOL C . -8.61 0.28 -2.33
HO3 GOL C . -8.82 -0.82 -4.22
C1 GOL D . 14.79 14.92 7.61
O1 GOL D . 15.46 15.93 6.92
C2 GOL D . 14.49 15.45 9.04
O2 GOL D . 14.04 14.45 9.89
C3 GOL D . 15.81 16.07 9.53
O3 GOL D . 15.81 17.41 9.13
H11 GOL D . 15.31 14.10 7.69
H12 GOL D . 13.96 14.66 7.19
HO1 GOL D . 15.81 15.56 6.23
H2 GOL D . 13.79 16.13 9.01
HO2 GOL D . 14.33 13.71 9.60
H31 GOL D . 16.55 15.57 9.17
H32 GOL D . 15.88 15.96 10.49
HO3 GOL D . 16.48 17.78 9.49
C1 GOL E . 0.20 -14.70 -0.77
O1 GOL E . -0.10 -15.84 -0.03
C2 GOL E . 0.12 -13.49 0.20
O2 GOL E . -0.59 -13.82 1.35
C3 GOL E . 1.57 -13.04 0.52
O3 GOL E . 1.56 -12.51 1.82
H11 GOL E . -0.40 -14.56 -1.50
H12 GOL E . 1.09 -14.73 -1.16
HO1 GOL E . -0.02 -16.50 -0.56
H2 GOL E . -0.35 -12.76 -0.23
HO2 GOL E . -0.04 -14.13 1.93
H31 GOL E . 1.86 -12.40 -0.15
H32 GOL E . 2.17 -13.80 0.43
HO3 GOL E . 1.20 -11.73 1.76
C1 GOL F . 13.03 4.24 -12.45
O1 GOL F . 13.74 3.93 -11.29
C2 GOL F . 12.36 2.91 -12.91
O2 GOL F . 10.98 3.06 -13.02
C3 GOL F . 13.01 2.52 -14.26
O3 GOL F . 12.36 3.24 -15.27
H11 GOL F . 13.59 4.58 -13.16
H12 GOL F . 12.35 4.91 -12.30
HO1 GOL F . 14.53 3.70 -11.54
H2 GOL F . 12.53 2.22 -12.26
HO2 GOL F . 10.73 2.63 -13.71
H31 GOL F . 12.95 1.56 -14.37
H32 GOL F . 13.97 2.72 -14.22
HO3 GOL F . 11.90 3.84 -14.87
C1 GOL G . 5.08 17.22 4.78
O1 GOL G . 5.59 18.38 5.36
C2 GOL G . 3.53 17.28 4.91
O2 GOL G . 2.95 16.08 4.54
C3 GOL G . 3.27 17.64 6.38
O3 GOL G . 1.99 17.17 6.68
H11 GOL G . 5.40 16.42 5.23
H12 GOL G . 5.32 17.13 3.85
HO1 GOL G . 6.43 18.28 5.40
H2 GOL G . 3.16 17.95 4.32
HO2 GOL G . 3.11 15.51 5.15
H31 GOL G . 3.36 18.59 6.50
H32 GOL G . 3.96 17.23 6.93
HO3 GOL G . 1.62 16.99 5.93
C4 A1A1Y H . 12.85 -0.84 12.09
N3 A1A1Y H . 15.11 -0.23 14.89
C2 A1A1Y H . 14.78 -0.37 13.46
N1 A1A1Y H . 13.81 -0.38 17.11
C7 A1A1Y H . 16.00 -0.31 9.76
C6 A1A1Y H . 15.04 -0.44 10.99
C5 A1A1Y H . 13.68 -0.72 10.94
N5 A1A1Y H . 18.77 3.81 8.77
C16 A1A1Y H . 20.11 9.08 11.46
C15 A1A1Y H . 19.80 7.84 12.05
N4 A1A1Y H . 15.89 1.71 8.20
C14 A1A1Y H . 20.85 6.65 11.96
O1 A1A1Y H . 17.65 3.42 10.73
C8 A1A1Y H . 15.46 0.30 8.39
C9 A1A1Y H . 17.27 1.96 7.90
C13 A1A1Y H . 20.46 5.61 10.83
C12 A1A1Y H . 19.88 4.18 11.15
C11 A1A1Y H . 18.68 3.77 10.20
C10 A1A1Y H . 17.71 3.44 7.75
C17 A1A1Y H . 19.24 10.18 11.48
C18 A1A1Y H . 18.00 10.10 12.10
C19 A1A1Y H . 17.65 8.88 12.69
N2 A1A1Y H . 12.85 -0.71 14.69
C3 A1A1Y H . 13.42 -0.65 13.38
C1 A1A1Y H . 13.92 -0.44 15.66
C20 A1A1Y H . 18.54 7.78 12.66
C22 A1A1Y H . 20.57 4.55 13.56
C21 A1A1Y H . 21.12 5.97 13.32
C23 A1A1Y H . 19.77 4.13 7.69
C24 A1A1Y H . 18.70 3.79 6.62
C25 A1A1Y H . 15.60 -0.26 12.31
N6 A1A1Y H . 19.39 4.20 12.64
O2 A1A1Y H . 18.08 1.10 7.80
H2 A1A1Y H . 15.86 0.28 15.28
H27 A1A1Y H . 11.79 -1.06 11.95
H6 A1A1Y H . 13.81 -1.24 17.75
H5 A1A1Y H . 13.74 0.40 17.67
H30 A1A1Y H . 16.46 -1.29 9.50
H29 A1A1Y H . 16.92 0.28 10.02
H28 A1A1Y H . 13.14 -0.89 9.99
H13 A1A1Y H . 21.07 9.19 10.96
H7 A1A1Y H . 15.23 2.43 8.28
H12 A1A1Y H . 21.88 7.06 11.71
H32 A1A1Y H . 15.86 -0.34 7.57
H31 A1A1Y H . 14.34 0.24 8.41
H11 A1A1Y H . 19.73 6.11 10.17
H10 A1A1Y H . 21.37 5.46 10.21
H9 A1A1Y H . 20.66 3.39 11.12
H8 A1A1Y H . 16.87 4.18 7.68
H14 A1A1Y H . 19.48 11.15 11.02
H15 A1A1Y H . 17.33 10.98 12.11
H16 A1A1Y H . 16.68 8.77 13.19
H1 A1A1Y H . 11.95 -0.43 14.94
H17 A1A1Y H . 18.16 6.89 13.15
H20 A1A1Y H . 21.35 3.77 13.44
H21 A1A1Y H . 20.23 4.41 14.62
H18 A1A1Y H . 20.74 6.60 14.14
H19 A1A1Y H . 22.22 5.92 13.51
H22 A1A1Y H . 20.68 3.49 7.65
H23 A1A1Y H . 20.16 5.17 7.64
H25 A1A1Y H . 18.37 4.61 5.95
H24 A1A1Y H . 18.91 2.95 5.92
H26 A1A1Y H . 16.65 -0.04 12.35
H3 A1A1Y H . 18.97 3.27 12.90
H4 A1A1Y H . 18.60 4.90 12.75
#